data_9GFU
#
_entry.id   9GFU
#
_cell.length_a   94.749
_cell.length_b   61.792
_cell.length_c   119.309
_cell.angle_alpha   90.000
_cell.angle_beta   101.726
_cell.angle_gamma   90.000
#
_symmetry.space_group_name_H-M   'C 1 2 1'
#
loop_
_entity.id
_entity.type
_entity.pdbx_description
1 polymer 'Peroxisome proliferator-activated receptor gamma'
2 non-polymer '4-[5-chloranyl-1-[2-chloranyl-6-(trifluoromethyl)phenyl]carbonyl-indazol-3-yl]-3-[(3-ethoxycarbonylphenyl)methoxy]benzoic acid'
3 water water
#
_entity_poly.entity_id   1
_entity_poly.type   'polypeptide(L)'
_entity_poly.pdbx_seq_one_letter_code
;GSHMESADLRALAKHLYDSYIKSFPLTKAKARAILTGKTTDKSPFVIYDMNSLMMGEDKIKFKHITPLQEQSKEVAIRIF
QGCQFRSVEAVQEITEYAKSIPGFVNLDLNDQVTLLKYGVHEIIYTMLASLMNKDGVLISEGQGFMTREFLKSLRKPFGD
FMEPKFEFAVKFNALELDDSDLAIFIAVIILSGDRPGLLNVKPIEDIQDNLLQALELQLKLNHPESSQLFAKLLQKMTDL
RQIVTEHVQLLQVIKKTETDMSLHPLLQEIYKDLY
;
_entity_poly.pdbx_strand_id   B,A
#
loop_
_chem_comp.id
_chem_comp.type
_chem_comp.name
_chem_comp.formula
A1IK6 non-polymer '4-[5-chloranyl-1-[2-chloranyl-6-(trifluoromethyl)phenyl]carbonyl-indazol-3-yl]-3-[(3-ethoxycarbonylphenyl)methoxy]benzoic acid' 'C32 H21 Cl2 F3 N2 O6'
#
# COMPACT_ATOMS: atom_id res chain seq x y z
N MET A 4 6.16 18.64 -17.34
CA MET A 4 7.30 19.49 -17.05
C MET A 4 8.53 19.17 -17.90
N GLU A 5 9.31 20.21 -18.18
CA GLU A 5 10.56 20.04 -18.90
C GLU A 5 11.59 19.40 -17.99
N SER A 6 12.51 18.64 -18.59
CA SER A 6 13.52 17.92 -17.82
C SER A 6 14.34 18.88 -16.96
N ALA A 7 14.71 20.04 -17.51
CA ALA A 7 15.47 21.02 -16.73
C ALA A 7 14.73 21.44 -15.46
N ASP A 8 13.42 21.64 -15.55
CA ASP A 8 12.64 21.98 -14.37
C ASP A 8 12.62 20.81 -13.37
N LEU A 9 12.60 19.57 -13.86
CA LEU A 9 12.59 18.43 -12.95
C LEU A 9 13.92 18.28 -12.22
N ARG A 10 15.04 18.46 -12.93
CA ARG A 10 16.34 18.40 -12.27
C ARG A 10 16.53 19.57 -11.30
N ALA A 11 16.00 20.74 -11.63
CA ALA A 11 16.07 21.87 -10.69
C ALA A 11 15.33 21.53 -9.41
N LEU A 12 14.17 20.90 -9.54
CA LEU A 12 13.39 20.51 -8.37
C LEU A 12 14.12 19.44 -7.54
N ALA A 13 14.71 18.43 -8.21
CA ALA A 13 15.45 17.41 -7.48
C ALA A 13 16.61 18.04 -6.68
N LYS A 14 17.39 18.92 -7.32
CA LYS A 14 18.53 19.52 -6.61
C LYS A 14 18.06 20.47 -5.51
N HIS A 15 17.01 21.22 -5.75
CA HIS A 15 16.45 22.07 -4.69
C HIS A 15 16.10 21.23 -3.46
N LEU A 16 15.41 20.09 -3.66
CA LEU A 16 15.00 19.26 -2.53
C LEU A 16 16.22 18.64 -1.85
N TYR A 17 17.21 18.22 -2.63
CA TYR A 17 18.42 17.64 -2.04
C TYR A 17 19.14 18.64 -1.15
N ASP A 18 19.32 19.87 -1.65
CA ASP A 18 19.99 20.89 -0.86
C ASP A 18 19.27 21.13 0.46
N SER A 19 17.95 21.26 0.41
CA SER A 19 17.19 21.50 1.63
C SER A 19 17.27 20.29 2.57
N TYR A 20 17.19 19.08 2.01
CA TYR A 20 17.26 17.85 2.80
C TYR A 20 18.58 17.75 3.58
N ILE A 21 19.70 18.08 2.93
CA ILE A 21 21.01 18.10 3.58
C ILE A 21 21.05 19.12 4.72
N LYS A 22 20.35 20.25 4.57
CA LYS A 22 20.28 21.26 5.62
C LYS A 22 19.33 20.87 6.75
N SER A 23 18.33 20.02 6.48
CA SER A 23 17.27 19.79 7.45
C SER A 23 17.55 18.66 8.43
N PHE A 24 18.36 17.68 8.04
CA PHE A 24 18.51 16.46 8.81
C PHE A 24 19.95 16.31 9.27
N PRO A 25 20.18 15.99 10.54
CA PRO A 25 21.55 16.04 11.07
C PRO A 25 22.47 15.01 10.44
N LEU A 26 22.00 13.78 10.35
CA LEU A 26 22.80 12.66 9.89
C LEU A 26 22.21 12.16 8.59
N THR A 27 22.91 12.37 7.48
CA THR A 27 22.43 11.89 6.19
C THR A 27 22.70 10.39 6.03
N LYS A 28 22.07 9.78 5.02
CA LYS A 28 22.31 8.37 4.78
C LYS A 28 23.76 8.12 4.39
N ALA A 29 24.33 8.97 3.54
CA ALA A 29 25.73 8.79 3.13
C ALA A 29 26.67 8.77 4.35
N LYS A 30 26.47 9.69 5.28
CA LYS A 30 27.33 9.68 6.46
C LYS A 30 27.04 8.45 7.33
N ALA A 31 25.75 8.13 7.52
CA ALA A 31 25.39 6.94 8.28
C ALA A 31 26.01 5.68 7.69
N ARG A 32 25.94 5.53 6.35
CA ARG A 32 26.51 4.34 5.71
C ARG A 32 28.01 4.26 5.92
N ALA A 33 28.69 5.41 5.91
CA ALA A 33 30.12 5.41 6.18
C ALA A 33 30.40 4.90 7.58
N ILE A 34 29.54 5.22 8.54
CA ILE A 34 29.74 4.74 9.91
C ILE A 34 29.46 3.24 9.99
N LEU A 35 28.35 2.79 9.39
CA LEU A 35 27.96 1.39 9.53
C LEU A 35 28.94 0.45 8.86
N THR A 36 29.55 0.89 7.76
CA THR A 36 30.50 0.08 7.00
C THR A 36 31.91 0.12 7.55
N GLY A 37 32.24 1.13 8.35
CA GLY A 37 33.58 1.27 8.88
C GLY A 37 34.53 2.01 7.98
N LYS A 38 34.01 2.82 7.06
CA LYS A 38 34.78 3.59 6.09
C LYS A 38 34.94 5.05 6.52
N THR A 39 35.12 5.30 7.81
CA THR A 39 35.24 6.67 8.32
C THR A 39 36.19 6.78 9.50
N LYS A 42 36.39 7.86 14.61
CA LYS A 42 36.02 7.32 15.92
C LYS A 42 34.93 6.27 15.82
N SER A 43 35.20 5.06 16.30
CA SER A 43 34.18 4.03 16.32
C SER A 43 33.02 4.50 17.22
N PRO A 44 31.77 4.27 16.83
CA PRO A 44 30.67 4.68 17.71
C PRO A 44 30.66 3.78 18.93
N PHE A 45 30.12 4.31 20.03
CA PHE A 45 29.97 3.48 21.22
C PHE A 45 28.87 2.45 20.97
N VAL A 46 29.12 1.19 21.28
CA VAL A 46 28.18 0.10 20.97
C VAL A 46 27.42 -0.27 22.23
N ILE A 47 26.10 -0.27 22.13
CA ILE A 47 25.22 -0.79 23.18
C ILE A 47 24.73 -2.15 22.73
N TYR A 48 25.10 -3.19 23.47
CA TYR A 48 24.79 -4.56 23.10
C TYR A 48 24.16 -5.37 24.23
N ASP A 49 24.08 -4.83 25.44
CA ASP A 49 23.45 -5.49 26.58
C ASP A 49 23.24 -4.47 27.69
N MET A 50 22.88 -4.94 28.89
CA MET A 50 22.57 -4.03 29.99
C MET A 50 23.78 -3.17 30.38
N ASN A 51 24.93 -3.82 30.61
CA ASN A 51 26.09 -3.07 31.10
C ASN A 51 26.56 -2.04 30.08
N SER A 52 26.61 -2.41 28.79
CA SER A 52 27.02 -1.42 27.81
C SER A 52 25.98 -0.31 27.67
N LEU A 53 24.70 -0.60 27.95
CA LEU A 53 23.70 0.46 27.94
C LEU A 53 23.96 1.47 29.06
N MET A 54 24.22 0.98 30.27
CA MET A 54 24.48 1.88 31.39
C MET A 54 25.72 2.73 31.13
N MET A 55 26.76 2.14 30.57
CA MET A 55 27.97 2.89 30.26
C MET A 55 27.71 3.89 29.14
N GLY A 56 26.90 3.51 28.14
CA GLY A 56 26.61 4.42 27.05
C GLY A 56 25.88 5.68 27.50
N GLU A 57 24.91 5.54 28.40
CA GLU A 57 24.23 6.72 28.90
C GLU A 57 25.09 7.52 29.88
N ASP A 58 26.13 6.90 30.45
CA ASP A 58 27.09 7.69 31.22
C ASP A 58 28.03 8.47 30.30
N LYS A 59 28.48 7.83 29.20
CA LYS A 59 29.38 8.50 28.27
C LYS A 59 28.64 9.47 27.34
N ILE A 60 27.59 9.00 26.66
CA ILE A 60 26.90 9.83 25.68
C ILE A 60 26.06 10.91 26.37
N LYS A 61 25.44 10.58 27.51
CA LYS A 61 24.55 11.48 28.24
C LYS A 61 23.40 11.97 27.35
N PHE A 62 22.38 11.14 27.21
CA PHE A 62 21.25 11.41 26.33
C PHE A 62 20.33 12.46 26.93
N LYS A 63 19.60 13.17 26.07
CA LYS A 63 18.70 14.25 26.52
C LYS A 63 17.39 13.76 27.11
N HIS A 64 17.00 12.52 26.88
CA HIS A 64 15.75 12.01 27.39
C HIS A 64 15.87 11.47 28.81
N ILE A 65 17.05 11.53 29.40
CA ILE A 65 17.31 10.89 30.70
C ILE A 65 16.71 11.75 31.80
N THR A 66 15.78 11.16 32.55
CA THR A 66 15.28 11.76 33.80
C THR A 66 16.35 11.72 34.91
N LYS A 73 14.06 4.16 35.93
CA LYS A 73 13.06 3.29 35.32
C LYS A 73 13.72 2.05 34.72
N GLU A 74 12.88 1.10 34.31
CA GLU A 74 13.31 -0.13 33.67
C GLU A 74 14.07 0.14 32.37
N VAL A 75 14.91 -0.82 31.98
CA VAL A 75 15.75 -0.65 30.79
C VAL A 75 14.90 -0.51 29.52
N ALA A 76 13.97 -1.44 29.28
CA ALA A 76 13.17 -1.39 28.05
C ALA A 76 12.39 -0.08 27.94
N ILE A 77 11.92 0.44 29.08
CA ILE A 77 11.23 1.73 29.09
C ILE A 77 12.18 2.84 28.68
N ARG A 78 13.37 2.86 29.29
CA ARG A 78 14.35 3.92 29.02
C ARG A 78 14.67 3.99 27.53
N ILE A 79 14.84 2.83 26.90
CA ILE A 79 15.12 2.79 25.48
C ILE A 79 13.93 3.29 24.67
N PHE A 80 12.73 2.81 25.01
CA PHE A 80 11.53 3.27 24.32
C PHE A 80 11.39 4.78 24.39
N GLN A 81 11.57 5.34 25.59
CA GLN A 81 11.49 6.79 25.73
C GLN A 81 12.56 7.52 24.94
N GLY A 82 13.76 6.92 24.78
CA GLY A 82 14.74 7.49 23.88
C GLY A 82 14.26 7.52 22.45
N CYS A 83 13.57 6.47 22.02
CA CYS A 83 13.01 6.44 20.68
C CYS A 83 11.97 7.56 20.50
N GLN A 84 11.09 7.75 21.49
CA GLN A 84 10.06 8.78 21.37
C GLN A 84 10.68 10.16 21.30
N PHE A 85 11.65 10.43 22.20
CA PHE A 85 12.32 11.72 22.23
C PHE A 85 12.90 12.06 20.88
N ARG A 86 13.53 11.08 20.21
CA ARG A 86 14.13 11.34 18.91
C ARG A 86 13.09 11.50 17.82
N SER A 87 11.96 10.78 17.90
CA SER A 87 10.90 10.96 16.93
C SER A 87 10.30 12.36 17.00
N VAL A 88 10.11 12.90 18.20
CA VAL A 88 9.67 14.27 18.33
C VAL A 88 10.65 15.22 17.67
N GLU A 89 11.95 14.97 17.83
CA GLU A 89 12.95 15.77 17.11
C GLU A 89 12.78 15.62 15.60
N ALA A 90 12.61 14.38 15.13
CA ALA A 90 12.45 14.16 13.71
C ALA A 90 11.23 14.91 13.16
N VAL A 91 10.11 14.88 13.89
CA VAL A 91 8.91 15.59 13.43
C VAL A 91 9.21 17.06 13.11
N GLN A 92 9.96 17.73 13.99
CA GLN A 92 10.29 19.13 13.72
C GLN A 92 11.23 19.27 12.54
N GLU A 93 12.17 18.34 12.39
CA GLU A 93 13.06 18.42 11.24
C GLU A 93 12.29 18.23 9.94
N ILE A 94 11.37 17.27 9.92
CA ILE A 94 10.53 17.05 8.74
C ILE A 94 9.63 18.28 8.50
N THR A 95 9.06 18.84 9.58
CA THR A 95 8.20 20.01 9.42
C THR A 95 8.95 21.15 8.75
N GLU A 96 10.19 21.38 9.16
CA GLU A 96 11.00 22.43 8.54
C GLU A 96 11.31 22.09 7.10
N TYR A 97 11.61 20.83 6.81
CA TYR A 97 11.90 20.42 5.45
C TYR A 97 10.72 20.69 4.52
N ALA A 98 9.50 20.37 4.96
CA ALA A 98 8.29 20.58 4.15
C ALA A 98 8.23 22.01 3.60
N LYS A 99 8.64 23.00 4.39
CA LYS A 99 8.57 24.38 3.95
C LYS A 99 9.38 24.60 2.67
N SER A 100 10.42 23.80 2.47
CA SER A 100 11.17 23.97 1.24
C SER A 100 10.51 23.31 0.03
N ILE A 101 9.47 22.53 0.22
CA ILE A 101 8.84 21.90 -0.94
C ILE A 101 8.07 22.94 -1.75
N PRO A 102 8.43 23.18 -3.01
CA PRO A 102 7.75 24.22 -3.80
C PRO A 102 6.23 24.06 -3.81
N GLY A 103 5.55 25.08 -3.29
CA GLY A 103 4.11 25.14 -3.21
C GLY A 103 3.54 24.80 -1.84
N PHE A 104 4.30 24.09 -1.01
CA PHE A 104 3.75 23.61 0.27
C PHE A 104 3.27 24.77 1.13
N VAL A 105 4.10 25.81 1.30
CA VAL A 105 3.72 26.88 2.19
C VAL A 105 2.52 27.67 1.67
N ASN A 106 2.20 27.56 0.38
CA ASN A 106 1.03 28.29 -0.14
C ASN A 106 -0.27 27.54 0.04
N LEU A 107 -0.22 26.29 0.48
CA LEU A 107 -1.44 25.55 0.73
C LEU A 107 -2.13 26.13 1.96
N ASP A 108 -3.45 25.94 2.00
CA ASP A 108 -4.28 26.17 3.17
C ASP A 108 -3.59 25.66 4.43
N LEU A 109 -3.56 26.50 5.48
CA LEU A 109 -2.79 26.14 6.66
C LEU A 109 -3.29 24.85 7.31
N ASN A 110 -4.61 24.64 7.32
CA ASN A 110 -5.13 23.41 7.89
C ASN A 110 -4.62 22.20 7.12
N ASP A 111 -4.56 22.32 5.79
CA ASP A 111 -4.09 21.23 4.97
C ASP A 111 -2.61 20.96 5.19
N GLN A 112 -1.81 22.01 5.40
CA GLN A 112 -0.41 21.82 5.78
C GLN A 112 -0.31 20.97 7.06
N VAL A 113 -1.13 21.32 8.06
CA VAL A 113 -1.09 20.60 9.33
C VAL A 113 -1.51 19.15 9.12
N THR A 114 -2.59 18.96 8.37
CA THR A 114 -3.10 17.62 8.10
C THR A 114 -2.06 16.76 7.41
N LEU A 115 -1.42 17.29 6.37
CA LEU A 115 -0.42 16.52 5.62
C LEU A 115 0.74 16.11 6.51
N LEU A 116 1.24 17.05 7.33
CA LEU A 116 2.31 16.72 8.25
C LEU A 116 1.83 15.74 9.33
N LYS A 117 0.65 15.97 9.89
CA LYS A 117 0.13 15.10 10.95
C LYS A 117 0.12 13.63 10.51
N TYR A 118 -0.37 13.35 9.29
CA TYR A 118 -0.48 11.97 8.82
C TYR A 118 0.76 11.48 8.09
N GLY A 119 1.70 12.37 7.76
CA GLY A 119 2.89 11.99 7.03
C GLY A 119 4.13 11.70 7.85
N VAL A 120 4.30 12.36 9.00
CA VAL A 120 5.59 12.29 9.69
C VAL A 120 5.93 10.85 10.03
N HIS A 121 4.93 10.04 10.41
CA HIS A 121 5.22 8.67 10.83
C HIS A 121 5.80 7.82 9.69
N GLU A 122 5.26 7.97 8.48
CA GLU A 122 5.77 7.22 7.34
C GLU A 122 7.18 7.67 6.99
N ILE A 123 7.43 8.96 7.14
CA ILE A 123 8.73 9.52 6.81
C ILE A 123 9.76 9.13 7.86
N ILE A 124 9.35 9.13 9.14
CA ILE A 124 10.24 8.68 10.19
C ILE A 124 10.64 7.23 9.98
N TYR A 125 9.67 6.36 9.71
CA TYR A 125 10.00 4.98 9.34
C TYR A 125 11.02 4.94 8.21
N THR A 126 10.72 5.67 7.13
CA THR A 126 11.55 5.64 5.93
C THR A 126 12.97 6.04 6.24
N MET A 127 13.14 7.16 6.94
CA MET A 127 14.45 7.72 7.18
C MET A 127 15.20 6.98 8.27
N LEU A 128 14.49 6.30 9.16
CA LEU A 128 15.15 5.44 10.14
C LEU A 128 15.92 4.31 9.43
N ALA A 129 15.43 3.86 8.28
CA ALA A 129 16.16 2.83 7.54
C ALA A 129 17.56 3.32 7.14
N SER A 130 17.70 4.61 6.88
CA SER A 130 19.02 5.16 6.54
C SER A 130 20.02 4.93 7.66
N LEU A 131 19.55 4.82 8.90
CA LEU A 131 20.42 4.65 10.05
C LEU A 131 20.59 3.20 10.47
N MET A 132 20.02 2.26 9.70
CA MET A 132 19.94 0.87 10.14
C MET A 132 20.65 -0.03 9.16
N ASN A 133 21.26 -1.09 9.68
CA ASN A 133 21.55 -2.28 8.89
C ASN A 133 20.95 -3.48 9.59
N LYS A 134 21.21 -4.69 9.08
CA LYS A 134 20.61 -5.87 9.69
C LYS A 134 21.10 -6.14 11.10
N ASP A 135 22.15 -5.45 11.57
CA ASP A 135 22.74 -5.75 12.86
C ASP A 135 22.46 -4.69 13.92
N GLY A 136 21.99 -3.49 13.55
CA GLY A 136 21.69 -2.48 14.55
C GLY A 136 21.34 -1.14 13.94
N VAL A 137 21.32 -0.11 14.81
CA VAL A 137 20.82 1.21 14.47
C VAL A 137 21.73 2.28 15.06
N LEU A 138 22.06 3.30 14.26
CA LEU A 138 22.86 4.42 14.73
C LEU A 138 22.02 5.37 15.58
N ILE A 139 22.61 5.86 16.68
CA ILE A 139 21.91 6.77 17.58
C ILE A 139 22.84 7.93 17.95
N SER A 140 22.25 8.94 18.61
CA SER A 140 22.98 10.12 19.07
C SER A 140 23.80 10.73 17.93
N GLU A 141 23.12 11.04 16.85
CA GLU A 141 23.77 11.60 15.66
C GLU A 141 24.95 10.73 15.21
N GLY A 142 24.80 9.41 15.34
CA GLY A 142 25.82 8.50 14.91
C GLY A 142 26.94 8.23 15.91
N GLN A 143 26.89 8.82 17.11
CA GLN A 143 27.89 8.53 18.14
C GLN A 143 27.70 7.15 18.75
N GLY A 144 26.50 6.59 18.69
CA GLY A 144 26.24 5.28 19.24
C GLY A 144 25.70 4.33 18.18
N PHE A 145 25.74 3.05 18.53
CA PHE A 145 25.18 1.99 17.70
C PHE A 145 24.58 0.96 18.66
N MET A 146 23.26 0.81 18.64
CA MET A 146 22.59 -0.17 19.49
C MET A 146 22.25 -1.38 18.62
N THR A 147 22.63 -2.57 19.07
CA THR A 147 22.46 -3.75 18.23
C THR A 147 21.01 -4.18 18.15
N ARG A 148 20.67 -4.77 17.01
CA ARG A 148 19.33 -5.29 16.78
C ARG A 148 18.96 -6.38 17.79
N GLU A 149 19.86 -7.33 18.02
CA GLU A 149 19.63 -8.41 18.97
C GLU A 149 19.23 -7.88 20.34
N PHE A 150 19.95 -6.86 20.81
CA PHE A 150 19.62 -6.30 22.11
C PHE A 150 18.25 -5.62 22.09
N LEU A 151 17.93 -4.88 21.02
CA LEU A 151 16.61 -4.30 20.89
C LEU A 151 15.53 -5.37 20.75
N LYS A 152 15.78 -6.41 19.95
CA LYS A 152 14.77 -7.46 19.77
C LYS A 152 14.54 -8.27 21.05
N SER A 153 15.53 -8.39 21.92
CA SER A 153 15.39 -9.24 23.09
C SER A 153 14.75 -8.52 24.28
N LEU A 154 14.36 -7.27 24.14
CA LEU A 154 13.69 -6.58 25.24
C LEU A 154 12.41 -7.31 25.62
N ARG A 155 12.04 -7.21 26.90
CA ARG A 155 10.94 -7.97 27.46
C ARG A 155 9.58 -7.45 26.95
N LYS A 156 8.51 -8.12 27.41
CA LYS A 156 7.08 -7.85 27.26
C LYS A 156 6.80 -7.38 25.83
N PRO A 157 6.12 -6.27 25.51
CA PRO A 157 5.93 -6.01 24.08
C PRO A 157 7.03 -5.17 23.45
N PHE A 158 8.07 -4.79 24.20
CA PHE A 158 9.06 -3.86 23.68
C PHE A 158 9.92 -4.49 22.60
N GLY A 159 10.34 -5.74 22.82
CA GLY A 159 11.09 -6.44 21.79
C GLY A 159 10.32 -6.54 20.48
N ASP A 160 9.03 -6.89 20.57
CA ASP A 160 8.20 -7.00 19.37
C ASP A 160 7.85 -5.63 18.81
N PHE A 161 8.01 -4.57 19.60
CA PHE A 161 7.81 -3.22 19.08
C PHE A 161 9.01 -2.71 18.28
N MET A 162 10.23 -3.20 18.60
CA MET A 162 11.43 -2.69 17.94
C MET A 162 11.70 -3.41 16.63
N GLU A 163 11.60 -4.73 16.64
CA GLU A 163 12.02 -5.55 15.50
C GLU A 163 11.32 -5.19 14.19
N PRO A 164 10.02 -4.87 14.14
CA PRO A 164 9.43 -4.53 12.84
C PRO A 164 10.09 -3.37 12.14
N LYS A 165 10.65 -2.42 12.87
CA LYS A 165 11.40 -1.34 12.24
C LYS A 165 12.60 -1.88 11.45
N PHE A 166 13.35 -2.81 12.05
CA PHE A 166 14.47 -3.43 11.37
C PHE A 166 13.99 -4.27 10.18
N GLU A 167 12.90 -5.01 10.37
CA GLU A 167 12.33 -5.82 9.29
C GLU A 167 12.02 -4.96 8.07
N PHE A 168 11.36 -3.82 8.27
CA PHE A 168 11.12 -2.90 7.16
C PHE A 168 12.42 -2.36 6.58
N ALA A 169 13.34 -1.90 7.44
CA ALA A 169 14.54 -1.24 6.97
C ALA A 169 15.38 -2.15 6.09
N VAL A 170 15.50 -3.43 6.46
CA VAL A 170 16.33 -4.33 5.67
C VAL A 170 15.77 -4.44 4.25
N LYS A 171 14.45 -4.55 4.11
CA LYS A 171 13.88 -4.63 2.78
C LYS A 171 13.99 -3.31 2.05
N PHE A 172 13.69 -2.19 2.72
CA PHE A 172 13.76 -0.91 2.07
C PHE A 172 15.18 -0.60 1.59
N ASN A 173 16.18 -0.94 2.40
CA ASN A 173 17.57 -0.64 2.06
C ASN A 173 18.07 -1.45 0.87
N ALA A 174 17.44 -2.59 0.57
CA ALA A 174 17.77 -3.34 -0.64
C ALA A 174 17.51 -2.52 -1.91
N LEU A 175 16.67 -1.49 -1.84
CA LEU A 175 16.49 -0.61 -2.98
C LEU A 175 17.73 0.25 -3.21
N GLU A 176 18.58 0.40 -2.19
CA GLU A 176 19.83 1.14 -2.30
C GLU A 176 19.60 2.58 -2.76
N LEU A 177 18.59 3.24 -2.19
CA LEU A 177 18.40 4.66 -2.48
C LEU A 177 19.48 5.46 -1.78
N ASP A 178 19.84 6.60 -2.35
CA ASP A 178 20.74 7.55 -1.70
C ASP A 178 19.96 8.82 -1.31
N ASP A 179 20.67 9.78 -0.73
CA ASP A 179 20.02 10.96 -0.17
C ASP A 179 19.28 11.76 -1.23
N SER A 180 19.87 11.91 -2.43
CA SER A 180 19.18 12.67 -3.46
C SER A 180 17.90 11.97 -3.89
N ASP A 181 17.86 10.63 -3.85
CA ASP A 181 16.61 9.92 -4.11
C ASP A 181 15.61 10.17 -2.98
N LEU A 182 16.07 10.03 -1.73
CA LEU A 182 15.19 10.09 -0.57
C LEU A 182 14.55 11.47 -0.42
N ALA A 183 15.30 12.53 -0.77
CA ALA A 183 14.79 13.89 -0.63
C ALA A 183 13.50 14.06 -1.42
N ILE A 184 13.44 13.50 -2.63
CA ILE A 184 12.21 13.60 -3.43
C ILE A 184 11.15 12.67 -2.90
N PHE A 185 11.53 11.43 -2.59
CA PHE A 185 10.60 10.43 -2.08
C PHE A 185 9.85 10.93 -0.85
N ILE A 186 10.59 11.52 0.10
CA ILE A 186 9.99 12.08 1.31
C ILE A 186 8.96 13.16 0.96
N ALA A 187 9.28 14.00 -0.03
CA ALA A 187 8.34 15.03 -0.45
C ALA A 187 7.07 14.44 -1.05
N VAL A 188 7.22 13.37 -1.84
CA VAL A 188 6.07 12.70 -2.40
C VAL A 188 5.14 12.22 -1.28
N ILE A 189 5.72 11.65 -0.21
CA ILE A 189 4.91 11.16 0.91
C ILE A 189 4.10 12.30 1.54
N ILE A 190 4.75 13.44 1.77
CA ILE A 190 4.08 14.56 2.42
C ILE A 190 2.88 15.01 1.61
N LEU A 191 3.06 15.12 0.30
CA LEU A 191 2.02 15.66 -0.56
C LEU A 191 1.02 14.57 -0.96
N SER A 192 0.47 13.85 0.01
CA SER A 192 -0.52 12.81 -0.30
C SER A 192 -1.93 13.40 -0.22
N GLY A 193 -2.64 13.34 -1.34
CA GLY A 193 -3.95 13.95 -1.41
C GLY A 193 -5.07 13.21 -0.73
N ASP A 194 -4.82 11.98 -0.27
CA ASP A 194 -5.88 11.18 0.32
C ASP A 194 -5.85 11.20 1.84
N ARG A 195 -5.13 12.14 2.46
CA ARG A 195 -5.17 12.19 3.92
C ARG A 195 -6.57 12.61 4.37
N PRO A 196 -7.05 12.04 5.48
CA PRO A 196 -8.38 12.41 5.98
C PRO A 196 -8.44 13.90 6.30
N GLY A 197 -9.57 14.51 5.94
CA GLY A 197 -9.87 15.86 6.38
C GLY A 197 -9.24 16.97 5.58
N LEU A 198 -8.61 16.65 4.46
CA LEU A 198 -8.06 17.70 3.61
C LEU A 198 -9.18 18.53 3.03
N LEU A 199 -8.96 19.85 2.96
CA LEU A 199 -9.94 20.79 2.45
C LEU A 199 -9.82 21.00 0.94
N ASN A 200 -8.59 21.13 0.43
CA ASN A 200 -8.37 21.41 -0.99
C ASN A 200 -7.40 20.41 -1.57
N VAL A 201 -7.92 19.28 -2.06
CA VAL A 201 -7.07 18.19 -2.54
C VAL A 201 -6.32 18.60 -3.81
N LYS A 202 -6.96 19.38 -4.68
CA LYS A 202 -6.39 19.64 -6.00
C LYS A 202 -4.95 20.16 -5.99
N PRO A 203 -4.60 21.23 -5.27
CA PRO A 203 -3.21 21.72 -5.35
C PRO A 203 -2.20 20.74 -4.76
N ILE A 204 -2.63 19.92 -3.80
CA ILE A 204 -1.75 18.94 -3.20
C ILE A 204 -1.36 17.87 -4.21
N GLU A 205 -2.34 17.35 -4.94
CA GLU A 205 -2.04 16.38 -6.00
C GLU A 205 -1.27 17.04 -7.13
N ASP A 206 -1.55 18.30 -7.43
CA ASP A 206 -0.79 19.00 -8.45
C ASP A 206 0.69 19.01 -8.10
N ILE A 207 1.02 19.31 -6.84
CA ILE A 207 2.42 19.29 -6.42
C ILE A 207 2.97 17.85 -6.41
N GLN A 208 2.22 16.90 -5.87
CA GLN A 208 2.70 15.53 -5.82
C GLN A 208 2.96 14.99 -7.22
N ASP A 209 2.10 15.33 -8.18
CA ASP A 209 2.35 14.94 -9.57
C ASP A 209 3.69 15.47 -10.07
N ASN A 210 4.04 16.71 -9.71
CA ASN A 210 5.34 17.27 -10.09
C ASN A 210 6.47 16.55 -9.38
N LEU A 211 6.29 16.24 -8.10
CA LEU A 211 7.31 15.52 -7.35
C LEU A 211 7.49 14.12 -7.91
N LEU A 212 6.39 13.46 -8.31
CA LEU A 212 6.48 12.11 -8.89
C LEU A 212 7.25 12.12 -10.20
N GLN A 213 6.99 13.11 -11.07
CA GLN A 213 7.78 13.24 -12.30
C GLN A 213 9.27 13.38 -11.98
N ALA A 214 9.59 14.25 -11.02
CA ALA A 214 10.99 14.47 -10.68
C ALA A 214 11.61 13.22 -10.09
N LEU A 215 10.87 12.51 -9.23
CA LEU A 215 11.38 11.28 -8.66
C LEU A 215 11.63 10.25 -9.75
N GLU A 216 10.66 10.09 -10.65
CA GLU A 216 10.81 9.16 -11.76
C GLU A 216 12.08 9.47 -12.55
N LEU A 217 12.27 10.73 -12.95
CA LEU A 217 13.48 11.09 -13.71
C LEU A 217 14.74 10.88 -12.88
N GLN A 218 14.70 11.25 -11.59
CA GLN A 218 15.85 11.07 -10.73
C GLN A 218 16.28 9.60 -10.66
N LEU A 219 15.33 8.69 -10.50
CA LEU A 219 15.66 7.26 -10.36
C LEU A 219 16.22 6.67 -11.65
N LYS A 220 15.71 7.11 -12.80
CA LYS A 220 16.27 6.62 -14.07
C LYS A 220 17.70 7.15 -14.29
N LEU A 221 17.96 8.40 -13.95
CA LEU A 221 19.30 8.95 -14.13
C LEU A 221 20.27 8.42 -13.08
N ASN A 222 19.81 8.32 -11.83
CA ASN A 222 20.70 7.93 -10.74
C ASN A 222 20.86 6.42 -10.65
N HIS A 223 19.88 5.65 -11.14
CA HIS A 223 19.90 4.19 -11.10
C HIS A 223 19.48 3.61 -12.45
N PRO A 224 20.25 3.89 -13.52
CA PRO A 224 19.82 3.49 -14.87
C PRO A 224 19.70 1.99 -15.05
N GLU A 225 20.41 1.21 -14.26
CA GLU A 225 20.40 -0.24 -14.35
C GLU A 225 19.41 -0.89 -13.40
N SER A 226 18.63 -0.11 -12.65
CA SER A 226 17.70 -0.64 -11.64
C SER A 226 16.30 -0.65 -12.26
N SER A 227 15.88 -1.82 -12.73
CA SER A 227 14.66 -1.93 -13.51
C SER A 227 13.41 -1.66 -12.67
N GLN A 228 12.55 -0.77 -13.17
CA GLN A 228 11.28 -0.44 -12.51
C GLN A 228 11.49 -0.06 -11.05
N LEU A 229 12.60 0.60 -10.76
CA LEU A 229 12.83 1.03 -9.38
C LEU A 229 11.74 2.02 -8.94
N PHE A 230 11.28 2.87 -9.87
CA PHE A 230 10.17 3.77 -9.56
C PHE A 230 8.97 2.98 -9.06
N ALA A 231 8.53 1.98 -9.83
CA ALA A 231 7.41 1.15 -9.40
C ALA A 231 7.70 0.50 -8.05
N LYS A 232 8.91 -0.05 -7.85
CA LYS A 232 9.24 -0.70 -6.58
C LYS A 232 9.17 0.29 -5.42
N LEU A 233 9.64 1.52 -5.63
CA LEU A 233 9.60 2.48 -4.54
C LEU A 233 8.16 2.86 -4.19
N LEU A 234 7.30 3.02 -5.19
CA LEU A 234 5.91 3.40 -4.90
C LEU A 234 5.19 2.33 -4.10
N GLN A 235 5.48 1.06 -4.37
CA GLN A 235 4.86 -0.01 -3.60
C GLN A 235 5.25 0.09 -2.13
N LYS A 236 6.54 0.33 -1.86
CA LYS A 236 6.97 0.53 -0.48
C LYS A 236 6.22 1.68 0.16
N MET A 237 5.94 2.75 -0.60
CA MET A 237 5.36 3.95 -0.01
C MET A 237 3.99 3.68 0.56
N THR A 238 3.22 2.82 -0.10
CA THR A 238 1.89 2.54 0.40
C THR A 238 1.87 1.33 1.33
N ASP A 239 2.91 0.47 1.28
CA ASP A 239 3.15 -0.44 2.40
C ASP A 239 3.24 0.34 3.71
N LEU A 240 3.98 1.43 3.70
CA LEU A 240 4.18 2.24 4.90
C LEU A 240 2.88 2.59 5.58
N ARG A 241 1.78 2.72 4.82
CA ARG A 241 0.48 3.05 5.39
C ARG A 241 0.09 2.08 6.50
N GLN A 242 0.13 0.78 6.19
CA GLN A 242 -0.32 -0.23 7.15
C GLN A 242 0.74 -0.50 8.21
N ILE A 243 2.02 -0.49 7.83
CA ILE A 243 3.10 -0.59 8.81
C ILE A 243 2.94 0.48 9.90
N VAL A 244 2.62 1.71 9.50
CA VAL A 244 2.40 2.78 10.45
C VAL A 244 1.14 2.54 11.28
N THR A 245 0.05 2.09 10.66
CA THR A 245 -1.15 1.89 11.46
C THR A 245 -0.95 0.75 12.48
N GLU A 246 -0.20 -0.29 12.10
CA GLU A 246 0.20 -1.29 13.09
C GLU A 246 1.09 -0.67 14.18
N HIS A 247 2.01 0.20 13.78
CA HIS A 247 2.86 0.88 14.76
C HIS A 247 2.03 1.64 15.78
N VAL A 248 1.09 2.46 15.32
CA VAL A 248 0.27 3.27 16.23
C VAL A 248 -0.55 2.38 17.15
N GLN A 249 -1.02 1.24 16.65
CA GLN A 249 -1.78 0.34 17.51
C GLN A 249 -0.91 -0.17 18.66
N LEU A 250 0.25 -0.73 18.34
CA LEU A 250 1.19 -1.17 19.38
C LEU A 250 1.56 0.00 20.28
N LEU A 251 1.86 1.16 19.69
CA LEU A 251 2.26 2.33 20.46
C LEU A 251 1.17 2.71 21.48
N GLN A 252 -0.10 2.60 21.10
CA GLN A 252 -1.19 2.92 22.02
C GLN A 252 -1.35 1.84 23.09
N VAL A 253 -1.20 0.57 22.70
CA VAL A 253 -1.29 -0.54 23.64
C VAL A 253 -0.14 -0.48 24.65
N ILE A 254 1.06 -0.11 24.19
CA ILE A 254 2.18 0.07 25.12
C ILE A 254 1.82 1.08 26.19
N LYS A 255 1.34 2.26 25.78
CA LYS A 255 1.01 3.28 26.76
C LYS A 255 -0.10 2.83 27.71
N LYS A 256 -1.10 2.10 27.19
CA LYS A 256 -2.20 1.66 28.04
C LYS A 256 -1.77 0.59 29.05
N THR A 257 -0.79 -0.24 28.72
CA THR A 257 -0.38 -1.35 29.58
C THR A 257 0.75 -0.99 30.54
N GLU A 258 1.62 -0.05 30.16
CA GLU A 258 2.77 0.27 30.98
C GLU A 258 2.52 1.53 31.81
N MET A 261 3.47 4.33 30.22
CA MET A 261 3.14 5.71 30.59
C MET A 261 3.68 6.13 31.93
N SER A 262 2.80 6.24 32.92
CA SER A 262 3.17 6.61 34.29
C SER A 262 4.02 7.88 34.28
N LEU A 263 3.74 8.75 33.32
CA LEU A 263 4.49 9.96 33.02
C LEU A 263 3.81 11.18 33.61
N HIS A 264 4.63 12.21 33.86
CA HIS A 264 4.08 13.52 34.18
C HIS A 264 3.10 13.93 33.08
N PRO A 265 1.90 14.40 33.42
CA PRO A 265 0.95 14.82 32.38
C PRO A 265 1.53 15.80 31.37
N LEU A 266 2.42 16.69 31.81
CA LEU A 266 3.13 17.55 30.87
C LEU A 266 3.88 16.70 29.84
N LEU A 267 4.57 15.65 30.30
CA LEU A 267 5.24 14.75 29.37
C LEU A 267 4.26 14.08 28.44
N GLN A 268 3.12 13.62 28.96
CA GLN A 268 2.10 13.04 28.10
C GLN A 268 1.68 14.01 26.98
N GLU A 269 1.55 15.31 27.28
CA GLU A 269 1.17 16.24 26.21
C GLU A 269 2.26 16.40 25.15
N ILE A 270 3.54 16.40 25.58
CA ILE A 270 4.61 16.51 24.59
C ILE A 270 4.54 15.34 23.61
N TYR A 271 4.33 14.14 24.15
CA TYR A 271 4.30 12.88 23.39
C TYR A 271 2.91 12.48 22.91
N LYS A 272 1.88 13.29 23.14
CA LYS A 272 0.53 12.94 22.70
C LYS A 272 0.42 12.86 21.18
N HIS B 3 15.00 -5.62 -19.22
CA HIS B 3 14.51 -4.64 -20.20
C HIS B 3 13.80 -5.34 -21.36
N MET B 4 12.89 -4.61 -22.01
CA MET B 4 12.16 -5.09 -23.18
C MET B 4 11.98 -3.94 -24.15
N GLU B 5 12.02 -4.26 -25.45
CA GLU B 5 11.76 -3.28 -26.48
C GLU B 5 10.25 -2.98 -26.57
N SER B 6 9.94 -1.77 -27.05
CA SER B 6 8.55 -1.32 -27.10
C SER B 6 7.64 -2.29 -27.84
N ALA B 7 8.10 -2.80 -28.99
CA ALA B 7 7.29 -3.76 -29.75
C ALA B 7 7.00 -5.01 -28.92
N ASP B 8 7.98 -5.47 -28.13
CA ASP B 8 7.73 -6.62 -27.28
C ASP B 8 6.73 -6.29 -26.17
N LEU B 9 6.79 -5.06 -25.65
CA LEU B 9 5.88 -4.63 -24.61
C LEU B 9 4.45 -4.50 -25.15
N ARG B 10 4.31 -3.93 -26.35
CA ARG B 10 2.98 -3.86 -26.96
C ARG B 10 2.46 -5.24 -27.29
N ALA B 11 3.34 -6.15 -27.72
CA ALA B 11 2.92 -7.52 -27.99
C ALA B 11 2.44 -8.20 -26.71
N LEU B 12 3.10 -7.94 -25.59
CA LEU B 12 2.65 -8.55 -24.34
C LEU B 12 1.28 -7.99 -23.94
N ALA B 13 1.10 -6.68 -24.10
CA ALA B 13 -0.19 -6.04 -23.80
C ALA B 13 -1.32 -6.63 -24.63
N LYS B 14 -1.09 -6.83 -25.94
CA LYS B 14 -2.15 -7.37 -26.78
C LYS B 14 -2.46 -8.82 -26.41
N HIS B 15 -1.42 -9.62 -26.13
CA HIS B 15 -1.62 -10.99 -25.65
C HIS B 15 -2.46 -11.02 -24.39
N LEU B 16 -2.12 -10.16 -23.43
CA LEU B 16 -2.83 -10.20 -22.16
C LEU B 16 -4.29 -9.80 -22.35
N TYR B 17 -4.53 -8.79 -23.19
CA TYR B 17 -5.89 -8.35 -23.48
C TYR B 17 -6.69 -9.45 -24.17
N ASP B 18 -6.08 -10.14 -25.13
CA ASP B 18 -6.75 -11.25 -25.80
C ASP B 18 -7.17 -12.33 -24.81
N SER B 19 -6.25 -12.73 -23.91
CA SER B 19 -6.56 -13.78 -22.93
C SER B 19 -7.62 -13.32 -21.95
N TYR B 20 -7.53 -12.07 -21.53
CA TYR B 20 -8.51 -11.52 -20.60
C TYR B 20 -9.92 -11.60 -21.18
N ILE B 21 -10.08 -11.21 -22.45
CA ILE B 21 -11.38 -11.31 -23.11
C ILE B 21 -11.81 -12.76 -23.18
N LYS B 22 -10.86 -13.68 -23.38
CA LYS B 22 -11.22 -15.08 -23.45
C LYS B 22 -11.54 -15.65 -22.08
N SER B 23 -10.97 -15.07 -21.02
CA SER B 23 -11.12 -15.65 -19.68
C SER B 23 -12.27 -15.06 -18.88
N PHE B 24 -12.64 -13.81 -19.12
CA PHE B 24 -13.62 -13.16 -18.29
C PHE B 24 -14.87 -12.86 -19.11
N PRO B 25 -16.01 -13.50 -18.81
CA PRO B 25 -17.19 -13.38 -19.69
C PRO B 25 -17.81 -11.99 -19.68
N LEU B 26 -17.80 -11.27 -18.56
CA LEU B 26 -18.45 -9.96 -18.50
C LEU B 26 -17.37 -8.90 -18.34
N THR B 27 -17.02 -8.24 -19.44
CA THR B 27 -15.98 -7.22 -19.42
C THR B 27 -16.51 -5.89 -18.89
N LYS B 28 -15.58 -4.99 -18.57
CA LYS B 28 -15.95 -3.65 -18.15
C LYS B 28 -16.69 -2.91 -19.26
N ALA B 29 -16.23 -3.08 -20.50
CA ALA B 29 -16.88 -2.44 -21.65
C ALA B 29 -18.35 -2.86 -21.74
N LYS B 30 -18.63 -4.15 -21.59
CA LYS B 30 -20.03 -4.59 -21.62
C LYS B 30 -20.80 -4.09 -20.39
N ALA B 31 -20.15 -4.15 -19.22
CA ALA B 31 -20.79 -3.67 -18.00
C ALA B 31 -21.19 -2.21 -18.12
N ARG B 32 -20.29 -1.37 -18.64
CA ARG B 32 -20.60 0.05 -18.82
C ARG B 32 -21.70 0.25 -19.86
N ALA B 33 -21.74 -0.59 -20.90
CA ALA B 33 -22.84 -0.47 -21.88
C ALA B 33 -24.18 -0.73 -21.21
N ILE B 34 -24.22 -1.70 -20.29
CA ILE B 34 -25.45 -2.00 -19.56
C ILE B 34 -25.77 -0.86 -18.58
N LEU B 35 -24.77 -0.41 -17.82
CA LEU B 35 -25.01 0.62 -16.80
C LEU B 35 -25.41 1.96 -17.40
N THR B 36 -24.90 2.28 -18.59
CA THR B 36 -25.18 3.57 -19.20
C THR B 36 -26.55 3.57 -19.85
N GLY B 37 -26.99 2.42 -20.34
CA GLY B 37 -28.32 2.32 -20.86
C GLY B 37 -28.42 2.87 -22.26
N LYS B 38 -29.45 3.70 -22.46
CA LYS B 38 -29.81 4.27 -23.75
C LYS B 38 -29.94 3.18 -24.80
N THR B 39 -30.35 1.99 -24.37
CA THR B 39 -30.53 0.82 -25.21
C THR B 39 -31.66 0.01 -24.59
N THR B 40 -32.53 -0.55 -25.45
CA THR B 40 -33.65 -1.32 -24.94
C THR B 40 -33.29 -2.78 -24.65
N ASP B 41 -32.32 -3.35 -25.36
CA ASP B 41 -32.09 -4.80 -25.29
C ASP B 41 -31.25 -5.24 -24.09
N LYS B 42 -30.44 -4.36 -23.52
CA LYS B 42 -29.52 -4.74 -22.47
C LYS B 42 -29.97 -4.28 -21.08
N SER B 43 -31.17 -3.72 -20.95
CA SER B 43 -31.59 -3.15 -19.67
C SER B 43 -31.71 -4.18 -18.55
N PRO B 44 -31.10 -3.93 -17.38
CA PRO B 44 -31.22 -4.86 -16.25
C PRO B 44 -32.51 -4.65 -15.46
N PHE B 45 -32.95 -5.72 -14.81
CA PHE B 45 -33.95 -5.62 -13.75
C PHE B 45 -33.29 -5.09 -12.49
N VAL B 46 -33.89 -4.09 -11.87
CA VAL B 46 -33.27 -3.42 -10.73
C VAL B 46 -33.89 -3.97 -9.45
N ILE B 47 -33.04 -4.48 -8.56
CA ILE B 47 -33.47 -4.97 -7.24
C ILE B 47 -33.07 -3.93 -6.20
N TYR B 48 -34.08 -3.35 -5.54
CA TYR B 48 -33.86 -2.25 -4.62
C TYR B 48 -34.54 -2.48 -3.25
N ASP B 49 -35.31 -3.54 -3.08
CA ASP B 49 -35.99 -3.83 -1.82
C ASP B 49 -36.43 -5.28 -1.80
N MET B 50 -37.18 -5.63 -0.76
CA MET B 50 -37.64 -7.01 -0.59
C MET B 50 -38.53 -7.44 -1.75
N ASN B 51 -39.51 -6.60 -2.10
CA ASN B 51 -40.46 -6.97 -3.15
C ASN B 51 -39.76 -7.18 -4.50
N SER B 52 -38.83 -6.28 -4.86
CA SER B 52 -38.16 -6.42 -6.14
C SER B 52 -37.18 -7.60 -6.15
N LEU B 53 -36.63 -7.96 -4.98
CA LEU B 53 -35.78 -9.15 -4.92
C LEU B 53 -36.58 -10.39 -5.27
N MET B 54 -37.80 -10.50 -4.74
CA MET B 54 -38.67 -11.63 -5.05
C MET B 54 -39.07 -11.64 -6.53
N MET B 55 -39.39 -10.47 -7.09
CA MET B 55 -39.72 -10.41 -8.51
C MET B 55 -38.50 -10.72 -9.36
N GLY B 56 -37.33 -10.23 -8.94
CA GLY B 56 -36.10 -10.49 -9.69
C GLY B 56 -35.74 -11.96 -9.72
N GLU B 57 -35.92 -12.67 -8.59
CA GLU B 57 -35.61 -14.09 -8.55
C GLU B 57 -36.59 -14.92 -9.36
N ASP B 58 -37.77 -14.38 -9.65
CA ASP B 58 -38.68 -15.03 -10.59
C ASP B 58 -38.28 -14.74 -12.02
N LYS B 59 -37.91 -13.49 -12.32
CA LYS B 59 -37.57 -13.08 -13.68
C LYS B 59 -36.16 -13.51 -14.08
N ILE B 60 -35.16 -13.23 -13.24
CA ILE B 60 -33.77 -13.45 -13.63
C ILE B 60 -33.43 -14.94 -13.65
N LYS B 61 -33.85 -15.68 -12.62
CA LYS B 61 -33.61 -17.13 -12.54
C LYS B 61 -32.14 -17.56 -12.79
N SER B 72 -34.64 -20.78 0.31
CA SER B 72 -35.65 -20.47 1.32
C SER B 72 -35.02 -20.01 2.62
N LYS B 73 -34.00 -19.17 2.51
CA LYS B 73 -33.23 -18.69 3.63
C LYS B 73 -33.48 -17.20 3.84
N GLU B 74 -32.88 -16.64 4.87
CA GLU B 74 -32.97 -15.21 5.11
C GLU B 74 -32.38 -14.44 3.92
N VAL B 75 -32.85 -13.19 3.76
CA VAL B 75 -32.47 -12.37 2.61
C VAL B 75 -30.96 -12.13 2.60
N ALA B 76 -30.41 -11.70 3.73
CA ALA B 76 -28.98 -11.40 3.78
C ALA B 76 -28.13 -12.63 3.45
N ILE B 77 -28.58 -13.82 3.90
CA ILE B 77 -27.86 -15.05 3.59
C ILE B 77 -27.94 -15.33 2.10
N ARG B 78 -29.14 -15.22 1.52
CA ARG B 78 -29.33 -15.47 0.09
C ARG B 78 -28.43 -14.59 -0.76
N ILE B 79 -28.32 -13.30 -0.40
CA ILE B 79 -27.42 -12.40 -1.13
C ILE B 79 -25.97 -12.84 -0.97
N PHE B 80 -25.57 -13.16 0.27
CA PHE B 80 -24.22 -13.63 0.50
C PHE B 80 -23.91 -14.85 -0.37
N GLN B 81 -24.80 -15.83 -0.40
CA GLN B 81 -24.49 -16.99 -1.23
C GLN B 81 -24.38 -16.59 -2.69
N GLY B 82 -25.15 -15.60 -3.14
CA GLY B 82 -24.97 -15.09 -4.48
C GLY B 82 -23.58 -14.51 -4.69
N CYS B 83 -23.07 -13.75 -3.71
CA CYS B 83 -21.73 -13.17 -3.81
C CYS B 83 -20.65 -14.25 -3.85
N GLN B 84 -20.70 -15.20 -2.91
CA GLN B 84 -19.64 -16.20 -2.83
C GLN B 84 -19.65 -17.11 -4.05
N PHE B 85 -20.84 -17.52 -4.51
CA PHE B 85 -20.93 -18.31 -5.72
C PHE B 85 -20.20 -17.64 -6.87
N ARG B 86 -20.39 -16.34 -7.01
CA ARG B 86 -19.77 -15.62 -8.10
C ARG B 86 -18.28 -15.38 -7.83
N SER B 87 -17.89 -15.17 -6.57
CA SER B 87 -16.48 -15.09 -6.24
C SER B 87 -15.75 -16.39 -6.54
N VAL B 88 -16.41 -17.53 -6.28
CA VAL B 88 -15.82 -18.83 -6.61
C VAL B 88 -15.61 -18.94 -8.11
N GLU B 89 -16.62 -18.55 -8.90
CA GLU B 89 -16.44 -18.50 -10.35
C GLU B 89 -15.31 -17.55 -10.74
N ALA B 90 -15.23 -16.39 -10.08
CA ALA B 90 -14.14 -15.45 -10.37
C ALA B 90 -12.79 -16.12 -10.14
N VAL B 91 -12.63 -16.82 -9.02
CA VAL B 91 -11.37 -17.54 -8.75
C VAL B 91 -11.05 -18.45 -9.92
N GLN B 92 -12.06 -19.16 -10.44
CA GLN B 92 -11.82 -20.05 -11.56
C GLN B 92 -11.38 -19.27 -12.79
N GLU B 93 -12.04 -18.13 -13.07
CA GLU B 93 -11.68 -17.33 -14.23
C GLU B 93 -10.29 -16.71 -14.07
N ILE B 94 -9.99 -16.20 -12.87
CA ILE B 94 -8.66 -15.66 -12.58
C ILE B 94 -7.59 -16.74 -12.72
N THR B 95 -7.87 -17.95 -12.21
CA THR B 95 -6.89 -19.02 -12.34
C THR B 95 -6.58 -19.30 -13.80
N GLU B 96 -7.64 -19.37 -14.63
CA GLU B 96 -7.45 -19.60 -16.05
C GLU B 96 -6.68 -18.46 -16.70
N TYR B 97 -6.97 -17.22 -16.30
CA TYR B 97 -6.22 -16.09 -16.85
C TYR B 97 -4.74 -16.17 -16.48
N ALA B 98 -4.43 -16.46 -15.23
CA ALA B 98 -3.03 -16.51 -14.80
C ALA B 98 -2.21 -17.47 -15.66
N LYS B 99 -2.77 -18.62 -16.01
CA LYS B 99 -1.99 -19.59 -16.78
C LYS B 99 -1.53 -19.00 -18.10
N SER B 100 -2.28 -18.03 -18.64
CA SER B 100 -1.92 -17.41 -19.90
C SER B 100 -0.81 -16.37 -19.74
N ILE B 101 -0.48 -16.01 -18.52
CA ILE B 101 0.57 -15.02 -18.32
C ILE B 101 1.93 -15.67 -18.59
N PRO B 102 2.66 -15.20 -19.60
CA PRO B 102 3.96 -15.79 -19.93
C PRO B 102 4.86 -15.96 -18.72
N GLY B 103 5.25 -17.21 -18.46
CA GLY B 103 6.12 -17.58 -17.37
C GLY B 103 5.40 -18.15 -16.16
N PHE B 104 4.11 -17.88 -16.00
CA PHE B 104 3.44 -18.27 -14.77
C PHE B 104 3.49 -19.78 -14.55
N VAL B 105 3.03 -20.56 -15.53
CA VAL B 105 2.96 -22.00 -15.35
C VAL B 105 4.33 -22.64 -15.31
N ASN B 106 5.38 -21.90 -15.68
CA ASN B 106 6.74 -22.43 -15.62
C ASN B 106 7.34 -22.27 -14.23
N LEU B 107 6.69 -21.51 -13.35
CA LEU B 107 7.16 -21.31 -11.98
C LEU B 107 6.97 -22.57 -11.16
N ASP B 108 7.74 -22.66 -10.08
CA ASP B 108 7.52 -23.67 -9.05
C ASP B 108 6.05 -23.76 -8.69
N LEU B 109 5.54 -25.00 -8.66
CA LEU B 109 4.11 -25.22 -8.51
C LEU B 109 3.58 -24.65 -7.21
N ASN B 110 4.37 -24.76 -6.13
CA ASN B 110 3.96 -24.19 -4.85
C ASN B 110 3.79 -22.68 -4.95
N ASP B 111 4.68 -22.03 -5.71
CA ASP B 111 4.61 -20.59 -5.88
C ASP B 111 3.40 -20.20 -6.71
N GLN B 112 3.05 -20.99 -7.73
CA GLN B 112 1.82 -20.76 -8.48
C GLN B 112 0.61 -20.70 -7.56
N VAL B 113 0.51 -21.66 -6.64
CA VAL B 113 -0.59 -21.72 -5.70
C VAL B 113 -0.57 -20.49 -4.79
N THR B 114 0.62 -20.18 -4.24
CA THR B 114 0.79 -19.05 -3.34
C THR B 114 0.37 -17.76 -4.02
N LEU B 115 0.80 -17.57 -5.27
CA LEU B 115 0.45 -16.36 -6.00
C LEU B 115 -1.05 -16.26 -6.18
N LEU B 116 -1.70 -17.36 -6.55
CA LEU B 116 -3.15 -17.34 -6.69
C LEU B 116 -3.83 -17.13 -5.34
N LYS B 117 -3.37 -17.84 -4.30
CA LYS B 117 -4.01 -17.73 -2.98
C LYS B 117 -4.13 -16.27 -2.52
N TYR B 118 -3.04 -15.50 -2.64
CA TYR B 118 -2.99 -14.11 -2.18
C TYR B 118 -3.41 -13.11 -3.24
N GLY B 119 -3.50 -13.53 -4.50
CA GLY B 119 -3.87 -12.60 -5.54
C GLY B 119 -5.36 -12.54 -5.84
N VAL B 120 -6.11 -13.63 -5.71
CA VAL B 120 -7.47 -13.64 -6.27
C VAL B 120 -8.36 -12.57 -5.62
N HIS B 121 -8.26 -12.40 -4.28
CA HIS B 121 -9.17 -11.45 -3.63
C HIS B 121 -8.90 -10.02 -4.09
N GLU B 122 -7.65 -9.65 -4.31
CA GLU B 122 -7.36 -8.30 -4.77
C GLU B 122 -7.86 -8.11 -6.19
N ILE B 123 -7.81 -9.16 -7.00
CA ILE B 123 -8.31 -9.10 -8.37
C ILE B 123 -9.84 -9.06 -8.39
N ILE B 124 -10.48 -9.80 -7.49
CA ILE B 124 -11.95 -9.80 -7.46
C ILE B 124 -12.47 -8.41 -7.13
N TYR B 125 -11.91 -7.79 -6.10
CA TYR B 125 -12.22 -6.40 -5.78
C TYR B 125 -12.05 -5.49 -7.00
N THR B 126 -10.90 -5.62 -7.67
CA THR B 126 -10.59 -4.78 -8.84
C THR B 126 -11.63 -4.95 -9.92
N MET B 127 -11.97 -6.20 -10.25
CA MET B 127 -12.89 -6.49 -11.32
C MET B 127 -14.33 -6.31 -10.89
N LEU B 128 -14.61 -6.42 -9.59
CA LEU B 128 -15.95 -6.07 -9.12
C LEU B 128 -16.28 -4.61 -9.38
N ALA B 129 -15.27 -3.74 -9.29
CA ALA B 129 -15.46 -2.32 -9.57
C ALA B 129 -15.98 -2.07 -10.98
N SER B 130 -15.54 -2.89 -11.95
CA SER B 130 -16.03 -2.76 -13.32
C SER B 130 -17.55 -2.90 -13.39
N LEU B 131 -18.12 -3.64 -12.46
CA LEU B 131 -19.54 -3.93 -12.46
C LEU B 131 -20.32 -2.95 -11.61
N MET B 132 -19.67 -1.92 -11.08
CA MET B 132 -20.27 -1.07 -10.07
C MET B 132 -20.30 0.37 -10.56
N ASN B 133 -21.35 1.09 -10.18
CA ASN B 133 -21.27 2.53 -10.12
C ASN B 133 -21.68 2.95 -8.71
N LYS B 134 -21.81 4.25 -8.47
CA LYS B 134 -22.08 4.71 -7.12
C LYS B 134 -23.44 4.26 -6.59
N ASP B 135 -24.32 3.74 -7.45
CA ASP B 135 -25.68 3.39 -7.04
C ASP B 135 -25.96 1.90 -6.95
N GLY B 136 -25.08 1.04 -7.47
CA GLY B 136 -25.31 -0.39 -7.33
C GLY B 136 -24.34 -1.20 -8.16
N VAL B 137 -24.68 -2.48 -8.31
CA VAL B 137 -23.77 -3.46 -8.90
C VAL B 137 -24.55 -4.39 -9.83
N LEU B 138 -23.96 -4.69 -10.99
CA LEU B 138 -24.56 -5.65 -11.90
C LEU B 138 -24.45 -7.06 -11.36
N ILE B 139 -25.49 -7.88 -11.57
CA ILE B 139 -25.47 -9.25 -11.10
C ILE B 139 -26.01 -10.14 -12.21
N SER B 140 -25.86 -11.45 -12.02
CA SER B 140 -26.38 -12.48 -12.93
C SER B 140 -26.01 -12.19 -14.38
N GLU B 141 -24.69 -12.06 -14.62
CA GLU B 141 -24.15 -11.72 -15.93
C GLU B 141 -24.77 -10.43 -16.48
N GLY B 142 -25.05 -9.48 -15.60
CA GLY B 142 -25.59 -8.21 -16.01
C GLY B 142 -27.08 -8.17 -16.28
N GLN B 143 -27.79 -9.29 -16.09
CA GLN B 143 -29.24 -9.28 -16.24
C GLN B 143 -29.93 -8.53 -15.11
N GLY B 144 -29.26 -8.40 -13.97
CA GLY B 144 -29.80 -7.70 -12.82
C GLY B 144 -28.88 -6.58 -12.38
N PHE B 145 -29.42 -5.71 -11.54
CA PHE B 145 -28.70 -4.62 -10.92
C PHE B 145 -29.28 -4.46 -9.52
N MET B 146 -28.47 -4.67 -8.50
CA MET B 146 -28.88 -4.55 -7.11
C MET B 146 -28.35 -3.23 -6.56
N THR B 147 -29.22 -2.42 -5.97
CA THR B 147 -28.80 -1.09 -5.57
C THR B 147 -27.88 -1.14 -4.35
N ARG B 148 -27.00 -0.14 -4.29
CA ARG B 148 -26.07 0.01 -3.17
C ARG B 148 -26.82 0.13 -1.86
N GLU B 149 -27.86 0.98 -1.85
CA GLU B 149 -28.72 1.22 -0.69
C GLU B 149 -29.30 -0.07 -0.12
N PHE B 150 -29.81 -0.95 -1.00
CA PHE B 150 -30.41 -2.19 -0.52
C PHE B 150 -29.37 -3.09 0.12
N LEU B 151 -28.19 -3.16 -0.47
CA LEU B 151 -27.10 -3.96 0.09
C LEU B 151 -26.67 -3.39 1.43
N LYS B 152 -26.60 -2.06 1.53
CA LYS B 152 -26.11 -1.40 2.74
C LYS B 152 -27.09 -1.55 3.89
N SER B 153 -28.38 -1.71 3.60
CA SER B 153 -29.39 -1.78 4.65
C SER B 153 -29.61 -3.20 5.17
N LEU B 154 -28.90 -4.19 4.64
CA LEU B 154 -29.03 -5.55 5.15
C LEU B 154 -28.66 -5.58 6.63
N ARG B 155 -29.31 -6.49 7.38
CA ARG B 155 -29.23 -6.53 8.83
C ARG B 155 -27.85 -7.01 9.32
N LYS B 156 -27.75 -7.14 10.66
CA LYS B 156 -26.66 -7.77 11.41
C LYS B 156 -25.33 -7.17 10.97
N PRO B 157 -24.35 -7.99 10.61
CA PRO B 157 -23.10 -7.48 10.05
C PRO B 157 -23.02 -7.46 8.53
N PHE B 158 -24.06 -7.91 7.83
CA PHE B 158 -23.98 -8.07 6.38
C PHE B 158 -24.01 -6.72 5.65
N GLY B 159 -24.83 -5.77 6.11
CA GLY B 159 -24.87 -4.45 5.48
C GLY B 159 -23.52 -3.78 5.42
N ASP B 160 -22.80 -3.78 6.54
CA ASP B 160 -21.47 -3.19 6.57
C ASP B 160 -20.43 -4.06 5.89
N PHE B 161 -20.75 -5.34 5.69
CA PHE B 161 -19.86 -6.22 4.96
C PHE B 161 -19.91 -5.91 3.46
N MET B 162 -21.02 -5.35 2.98
CA MET B 162 -21.20 -5.08 1.56
C MET B 162 -20.63 -3.73 1.14
N GLU B 163 -20.86 -2.69 1.94
CA GLU B 163 -20.51 -1.33 1.53
C GLU B 163 -19.04 -1.09 1.17
N PRO B 164 -18.04 -1.65 1.87
CA PRO B 164 -16.64 -1.34 1.49
C PRO B 164 -16.29 -1.71 0.05
N LYS B 165 -16.94 -2.74 -0.51
CA LYS B 165 -16.72 -3.06 -1.91
C LYS B 165 -17.07 -1.87 -2.80
N PHE B 166 -18.21 -1.21 -2.51
CA PHE B 166 -18.58 0.00 -3.23
C PHE B 166 -17.62 1.15 -2.96
N GLU B 167 -17.20 1.30 -1.70
CA GLU B 167 -16.25 2.35 -1.35
C GLU B 167 -14.95 2.24 -2.15
N PHE B 168 -14.39 1.03 -2.25
CA PHE B 168 -13.22 0.89 -3.10
C PHE B 168 -13.56 1.22 -4.55
N ALA B 169 -14.69 0.69 -5.05
CA ALA B 169 -15.00 0.78 -6.47
C ALA B 169 -15.12 2.23 -6.96
N VAL B 170 -15.75 3.10 -6.17
CA VAL B 170 -15.96 4.49 -6.61
C VAL B 170 -14.62 5.19 -6.80
N LYS B 171 -13.67 4.94 -5.90
CA LYS B 171 -12.34 5.53 -6.06
C LYS B 171 -11.58 4.87 -7.21
N PHE B 172 -11.61 3.53 -7.30
CA PHE B 172 -10.88 2.88 -8.38
C PHE B 172 -11.40 3.31 -9.75
N ASN B 173 -12.73 3.39 -9.91
CA ASN B 173 -13.34 3.74 -11.20
C ASN B 173 -13.04 5.17 -11.61
N ALA B 174 -12.64 6.01 -10.66
CA ALA B 174 -12.21 7.36 -11.00
C ALA B 174 -10.98 7.35 -11.91
N LEU B 175 -10.18 6.28 -11.90
CA LEU B 175 -9.03 6.20 -12.80
C LEU B 175 -9.44 5.99 -14.26
N GLU B 176 -10.68 5.57 -14.51
CA GLU B 176 -11.22 5.39 -15.88
C GLU B 176 -10.39 4.40 -16.70
N LEU B 177 -9.97 3.31 -16.06
CA LEU B 177 -9.24 2.28 -16.79
C LEU B 177 -10.20 1.48 -17.69
N ASP B 178 -9.68 1.01 -18.81
CA ASP B 178 -10.50 0.12 -19.64
C ASP B 178 -9.91 -1.29 -19.55
N ASP B 179 -10.54 -2.22 -20.28
CA ASP B 179 -10.20 -3.63 -20.13
C ASP B 179 -8.76 -3.92 -20.54
N SER B 180 -8.28 -3.27 -21.60
CA SER B 180 -6.90 -3.51 -22.02
C SER B 180 -5.91 -3.02 -20.96
N ASP B 181 -6.25 -1.96 -20.22
CA ASP B 181 -5.41 -1.56 -19.09
C ASP B 181 -5.53 -2.58 -17.97
N LEU B 182 -6.77 -2.97 -17.62
CA LEU B 182 -7.00 -3.87 -16.49
C LEU B 182 -6.32 -5.21 -16.70
N ALA B 183 -6.30 -5.70 -17.95
CA ALA B 183 -5.68 -7.00 -18.21
C ALA B 183 -4.23 -7.02 -17.72
N ILE B 184 -3.49 -5.93 -17.93
CA ILE B 184 -2.10 -5.90 -17.52
C ILE B 184 -1.98 -5.69 -16.01
N PHE B 185 -2.80 -4.78 -15.47
CA PHE B 185 -2.80 -4.50 -14.03
C PHE B 185 -3.05 -5.77 -13.23
N ILE B 186 -4.08 -6.53 -13.62
CA ILE B 186 -4.39 -7.80 -12.95
C ILE B 186 -3.19 -8.73 -13.00
N ALA B 187 -2.48 -8.76 -14.12
CA ALA B 187 -1.31 -9.59 -14.26
C ALA B 187 -0.20 -9.14 -13.29
N VAL B 188 -0.05 -7.82 -13.12
CA VAL B 188 0.95 -7.31 -12.17
C VAL B 188 0.65 -7.79 -10.75
N ILE B 189 -0.63 -7.73 -10.35
CA ILE B 189 -1.03 -8.17 -9.02
C ILE B 189 -0.64 -9.62 -8.78
N ILE B 190 -0.93 -10.50 -9.75
CA ILE B 190 -0.66 -11.91 -9.55
C ILE B 190 0.83 -12.14 -9.32
N LEU B 191 1.66 -11.51 -10.14
CA LEU B 191 3.10 -11.74 -10.09
C LEU B 191 3.76 -10.87 -9.03
N SER B 192 3.27 -10.93 -7.79
CA SER B 192 3.88 -10.19 -6.69
C SER B 192 4.88 -11.08 -5.97
N GLY B 193 6.15 -10.66 -5.96
CA GLY B 193 7.19 -11.45 -5.34
C GLY B 193 7.23 -11.38 -3.82
N ASP B 194 6.44 -10.51 -3.21
CA ASP B 194 6.42 -10.35 -1.76
C ASP B 194 5.25 -11.07 -1.09
N ARG B 195 4.61 -12.02 -1.78
CA ARG B 195 3.61 -12.84 -1.10
C ARG B 195 4.31 -13.70 -0.04
N PRO B 196 3.70 -13.90 1.13
CA PRO B 196 4.35 -14.72 2.16
C PRO B 196 4.54 -16.16 1.67
N GLY B 197 5.71 -16.70 1.96
CA GLY B 197 6.01 -18.09 1.74
C GLY B 197 6.45 -18.46 0.34
N LEU B 198 6.71 -17.48 -0.53
CA LEU B 198 7.17 -17.82 -1.87
C LEU B 198 8.55 -18.46 -1.82
N LEU B 199 8.75 -19.48 -2.65
CA LEU B 199 10.03 -20.20 -2.63
C LEU B 199 11.09 -19.53 -3.48
N ASN B 200 10.75 -19.07 -4.68
CA ASN B 200 11.75 -18.50 -5.58
C ASN B 200 11.26 -17.12 -6.03
N VAL B 201 11.63 -16.09 -5.26
CA VAL B 201 11.11 -14.75 -5.50
C VAL B 201 11.62 -14.18 -6.82
N LYS B 202 12.89 -14.44 -7.14
CA LYS B 202 13.53 -13.79 -8.29
C LYS B 202 12.80 -13.99 -9.62
N PRO B 203 12.48 -15.20 -10.07
CA PRO B 203 11.81 -15.30 -11.37
C PRO B 203 10.42 -14.67 -11.38
N ILE B 204 9.74 -14.58 -10.23
CA ILE B 204 8.46 -13.87 -10.18
C ILE B 204 8.68 -12.38 -10.41
N GLU B 205 9.70 -11.80 -9.77
CA GLU B 205 10.00 -10.38 -9.95
C GLU B 205 10.38 -10.08 -11.39
N ASP B 206 11.14 -10.99 -12.03
CA ASP B 206 11.52 -10.81 -13.42
C ASP B 206 10.28 -10.71 -14.31
N ILE B 207 9.30 -11.59 -14.11
CA ILE B 207 8.08 -11.48 -14.87
C ILE B 207 7.36 -10.19 -14.53
N GLN B 208 7.29 -9.85 -13.24
CA GLN B 208 6.55 -8.65 -12.88
C GLN B 208 7.20 -7.40 -13.47
N ASP B 209 8.54 -7.35 -13.51
CA ASP B 209 9.21 -6.21 -14.13
C ASP B 209 8.78 -6.05 -15.58
N ASN B 210 8.63 -7.15 -16.30
CA ASN B 210 8.17 -7.04 -17.69
C ASN B 210 6.72 -6.56 -17.73
N LEU B 211 5.89 -7.06 -16.83
CA LEU B 211 4.51 -6.65 -16.76
C LEU B 211 4.38 -5.19 -16.33
N LEU B 212 5.22 -4.75 -15.38
CA LEU B 212 5.18 -3.34 -14.98
C LEU B 212 5.60 -2.45 -16.14
N GLN B 213 6.65 -2.84 -16.86
CA GLN B 213 7.06 -2.11 -18.06
C GLN B 213 5.92 -2.02 -19.05
N ALA B 214 5.24 -3.14 -19.28
CA ALA B 214 4.14 -3.16 -20.23
C ALA B 214 3.00 -2.28 -19.76
N LEU B 215 2.69 -2.33 -18.46
CA LEU B 215 1.63 -1.52 -17.91
C LEU B 215 1.93 -0.04 -18.09
N GLU B 216 3.15 0.36 -17.74
CA GLU B 216 3.58 1.76 -17.83
C GLU B 216 3.40 2.28 -19.25
N LEU B 217 3.89 1.54 -20.24
CA LEU B 217 3.75 1.98 -21.63
C LEU B 217 2.28 1.99 -22.07
N GLN B 218 1.51 0.97 -21.67
CA GLN B 218 0.10 0.91 -22.03
C GLN B 218 -0.64 2.14 -21.53
N LEU B 219 -0.41 2.54 -20.28
CA LEU B 219 -1.11 3.66 -19.68
C LEU B 219 -0.68 4.98 -20.33
N LYS B 220 0.57 5.09 -20.76
CA LYS B 220 1.01 6.31 -21.44
C LYS B 220 0.35 6.43 -22.82
N LEU B 221 0.20 5.31 -23.53
CA LEU B 221 -0.38 5.32 -24.86
C LEU B 221 -1.90 5.45 -24.83
N ASN B 222 -2.54 4.77 -23.89
CA ASN B 222 -4.00 4.73 -23.83
C ASN B 222 -4.58 5.94 -23.12
N HIS B 223 -3.82 6.54 -22.20
CA HIS B 223 -4.27 7.70 -21.42
C HIS B 223 -3.20 8.78 -21.42
N PRO B 224 -2.86 9.33 -22.59
CA PRO B 224 -1.70 10.23 -22.66
C PRO B 224 -1.87 11.49 -21.85
N GLU B 225 -3.10 11.94 -21.63
CA GLU B 225 -3.37 13.15 -20.87
C GLU B 225 -3.66 12.86 -19.40
N SER B 226 -3.45 11.63 -18.95
CA SER B 226 -3.72 11.27 -17.56
C SER B 226 -2.40 11.29 -16.79
N SER B 227 -2.20 12.36 -16.03
CA SER B 227 -0.91 12.62 -15.39
C SER B 227 -0.59 11.56 -14.34
N GLN B 228 0.59 10.96 -14.46
CA GLN B 228 1.09 9.96 -13.51
C GLN B 228 0.05 8.89 -13.19
N LEU B 229 -0.72 8.48 -14.20
CA LEU B 229 -1.70 7.41 -13.99
C LEU B 229 -1.01 6.12 -13.54
N PHE B 230 0.19 5.85 -14.05
CA PHE B 230 0.95 4.68 -13.60
C PHE B 230 1.11 4.69 -12.09
N ALA B 231 1.64 5.80 -11.54
CA ALA B 231 1.81 5.93 -10.10
C ALA B 231 0.49 5.79 -9.34
N LYS B 232 -0.58 6.45 -9.81
CA LYS B 232 -1.86 6.32 -9.10
C LYS B 232 -2.35 4.88 -9.10
N LEU B 233 -2.18 4.18 -10.21
CA LEU B 233 -2.64 2.80 -10.23
C LEU B 233 -1.84 1.94 -9.25
N LEU B 234 -0.53 2.20 -9.13
CA LEU B 234 0.28 1.42 -8.20
C LEU B 234 -0.14 1.64 -6.75
N GLN B 235 -0.52 2.87 -6.41
CA GLN B 235 -0.97 3.15 -5.05
C GLN B 235 -2.24 2.37 -4.71
N LYS B 236 -3.19 2.31 -5.65
CA LYS B 236 -4.38 1.47 -5.45
C LYS B 236 -3.99 0.01 -5.23
N MET B 237 -2.96 -0.46 -5.93
CA MET B 237 -2.60 -1.88 -5.92
C MET B 237 -2.17 -2.35 -4.53
N THR B 238 -1.55 -1.46 -3.74
CA THR B 238 -1.12 -1.83 -2.40
C THR B 238 -2.16 -1.47 -1.33
N ASP B 239 -3.06 -0.52 -1.60
CA ASP B 239 -4.26 -0.38 -0.77
C ASP B 239 -5.04 -1.69 -0.70
N LEU B 240 -5.27 -2.33 -1.85
CA LEU B 240 -6.04 -3.57 -1.89
C LEU B 240 -5.54 -4.57 -0.87
N ARG B 241 -4.24 -4.51 -0.54
CA ARG B 241 -3.64 -5.41 0.44
C ARG B 241 -4.43 -5.41 1.75
N GLN B 242 -4.67 -4.20 2.30
CA GLN B 242 -5.35 -4.07 3.58
C GLN B 242 -6.87 -4.19 3.43
N ILE B 243 -7.42 -3.63 2.35
CA ILE B 243 -8.84 -3.78 2.04
C ILE B 243 -9.23 -5.25 2.04
N VAL B 244 -8.37 -6.10 1.48
CA VAL B 244 -8.63 -7.53 1.49
C VAL B 244 -8.55 -8.09 2.91
N THR B 245 -7.52 -7.70 3.68
CA THR B 245 -7.39 -8.26 5.03
C THR B 245 -8.56 -7.86 5.91
N GLU B 246 -9.08 -6.64 5.75
CA GLU B 246 -10.31 -6.25 6.43
C GLU B 246 -11.50 -7.11 5.99
N HIS B 247 -11.61 -7.39 4.69
CA HIS B 247 -12.65 -8.29 4.23
C HIS B 247 -12.54 -9.66 4.91
N VAL B 248 -11.34 -10.25 4.85
CA VAL B 248 -11.15 -11.60 5.38
C VAL B 248 -11.41 -11.67 6.88
N GLN B 249 -11.00 -10.64 7.61
CA GLN B 249 -11.26 -10.64 9.05
C GLN B 249 -12.75 -10.59 9.32
N LEU B 250 -13.44 -9.63 8.68
CA LEU B 250 -14.88 -9.54 8.81
C LEU B 250 -15.56 -10.85 8.45
N LEU B 251 -15.15 -11.45 7.33
CA LEU B 251 -15.75 -12.72 6.92
C LEU B 251 -15.55 -13.80 7.98
N GLN B 252 -14.39 -13.82 8.64
CA GLN B 252 -14.16 -14.82 9.69
C GLN B 252 -14.99 -14.51 10.93
N VAL B 253 -15.11 -13.23 11.29
CA VAL B 253 -15.95 -12.84 12.43
C VAL B 253 -17.42 -13.09 12.13
N ILE B 254 -17.88 -12.74 10.92
CA ILE B 254 -19.26 -13.05 10.54
C ILE B 254 -19.51 -14.55 10.63
N LYS B 255 -18.60 -15.33 10.04
CA LYS B 255 -18.78 -16.79 9.95
C LYS B 255 -18.93 -17.43 11.32
N LYS B 256 -18.27 -16.87 12.34
CA LYS B 256 -18.38 -17.43 13.69
C LYS B 256 -19.79 -17.25 14.26
N THR B 257 -20.52 -16.21 13.85
CA THR B 257 -21.87 -15.96 14.37
C THR B 257 -22.97 -16.56 13.50
N GLU B 258 -22.77 -16.62 12.19
CA GLU B 258 -23.81 -17.03 11.24
C GLU B 258 -23.58 -18.49 10.83
N THR B 259 -24.38 -19.40 11.39
CA THR B 259 -24.23 -20.83 11.11
C THR B 259 -24.73 -21.18 9.72
N ASP B 260 -25.77 -20.48 9.26
CA ASP B 260 -26.39 -20.65 7.95
C ASP B 260 -25.45 -20.27 6.80
N MET B 261 -24.20 -19.92 7.12
CA MET B 261 -23.19 -19.60 6.12
C MET B 261 -22.22 -20.76 5.95
N SER B 262 -22.10 -21.25 4.72
CA SER B 262 -21.14 -22.28 4.36
C SER B 262 -20.22 -21.71 3.30
N LEU B 263 -18.91 -21.92 3.46
CA LEU B 263 -17.98 -21.39 2.47
C LEU B 263 -17.62 -22.50 1.50
N HIS B 264 -17.52 -22.13 0.24
CA HIS B 264 -17.05 -23.03 -0.79
C HIS B 264 -15.64 -23.51 -0.45
N PRO B 265 -15.34 -24.80 -0.60
CA PRO B 265 -14.00 -25.29 -0.24
C PRO B 265 -12.86 -24.52 -0.90
N LEU B 266 -13.04 -24.07 -2.15
CA LEU B 266 -12.03 -23.25 -2.80
C LEU B 266 -11.75 -21.98 -2.00
N LEU B 267 -12.80 -21.26 -1.59
CA LEU B 267 -12.60 -20.09 -0.76
C LEU B 267 -12.06 -20.46 0.62
N GLN B 268 -12.62 -21.51 1.24
CA GLN B 268 -12.17 -21.92 2.56
C GLN B 268 -10.65 -22.14 2.59
N GLU B 269 -10.13 -22.80 1.56
CA GLU B 269 -8.71 -23.10 1.52
C GLU B 269 -7.89 -21.82 1.32
N ILE B 270 -8.42 -20.88 0.55
CA ILE B 270 -7.74 -19.60 0.33
C ILE B 270 -7.58 -18.83 1.63
N TYR B 271 -8.58 -18.89 2.51
CA TYR B 271 -8.52 -18.12 3.76
C TYR B 271 -7.75 -18.82 4.85
N LYS B 272 -7.42 -20.11 4.71
CA LYS B 272 -6.67 -20.81 5.74
C LYS B 272 -5.26 -20.27 5.79
N ASP B 273 -4.93 -19.56 6.87
CA ASP B 273 -3.64 -18.89 7.01
C ASP B 273 -3.37 -18.01 5.79
C4 A1IK6 C . 17.54 4.67 21.13
C14 A1IK6 C . 14.03 8.13 13.99
C5 A1IK6 C . 17.55 3.30 20.90
C6 A1IK6 C . 17.30 2.81 19.64
C11 A1IK6 C . 15.80 7.54 15.51
C7 A1IK6 C . 17.02 3.67 18.59
C8 A1IK6 C . 17.00 5.05 18.80
C9 A1IK6 C . 16.72 5.99 17.67
C10 A1IK6 C . 14.98 6.60 16.12
C12 A1IK6 C . 15.33 8.30 14.44
C13 A1IK6 C . 16.25 9.27 13.76
N1 A1IK6 C . 11.47 5.71 16.41
N2 A1IK6 C . 10.85 4.56 16.82
C3 A1IK6 C . 17.81 5.25 22.47
C1 A1IK6 C . 19.85 4.47 25.16
C15 A1IK6 C . 13.20 7.21 14.60
C16 A1IK6 C . 13.65 6.46 15.69
C17 A1IK6 C . 12.75 5.44 16.23
C18 A1IK6 C . 9.46 4.55 17.07
C19 A1IK6 C . 8.61 5.62 16.45
C2 A1IK6 C . 18.49 4.86 24.70
C20 A1IK6 C . 8.58 5.76 15.07
C21 A1IK6 C . 7.81 6.73 14.45
C22 A1IK6 C . 7.07 7.59 15.23
C23 A1IK6 C . 7.08 7.48 16.60
C24 A1IK6 C . 7.84 6.49 17.24
C25 A1IK6 C . 7.81 6.42 18.74
C26 A1IK6 C . 11.75 3.50 16.88
C27 A1IK6 C . 11.60 2.15 17.21
C28 A1IK6 C . 12.71 1.33 17.12
C29 A1IK6 C . 13.94 1.88 16.73
C30 A1IK6 C . 14.11 3.22 16.43
C31 A1IK6 C . 12.98 4.04 16.48
C32 A1IK6 C . 17.25 5.52 20.08
F1 A1IK6 C . 7.55 7.59 19.31
F2 A1IK6 C . 8.94 5.99 19.27
F3 A1IK6 C . 6.88 5.59 19.18
O1 A1IK6 C . 18.27 4.36 23.34
O2 A1IK6 C . 17.62 6.41 22.75
O3 A1IK6 C . 15.38 5.84 17.18
O4 A1IK6 C . 15.89 9.79 12.69
O5 A1IK6 C . 17.39 9.46 14.28
O6 A1IK6 C . 8.99 3.68 17.76
CL1 A1IK6 C . 9.52 4.69 14.04
CL2 A1IK6 C . 15.33 0.81 16.66
C4 A1IK6 D . -25.63 -11.02 -5.73
C14 A1IK6 D . -17.39 -10.67 -7.97
C5 A1IK6 D . -25.86 -9.92 -4.92
C6 A1IK6 D . -24.92 -8.89 -4.84
C11 A1IK6 D . -19.78 -10.53 -8.23
C7 A1IK6 D . -23.75 -8.98 -5.57
C8 A1IK6 D . -23.51 -10.07 -6.39
C9 A1IK6 D . -22.26 -10.17 -7.20
C10 A1IK6 D . -19.91 -10.35 -6.86
C12 A1IK6 D . -18.51 -10.69 -8.79
C13 A1IK6 D . -18.36 -10.89 -10.27
N1 A1IK6 D . -18.16 -10.83 -3.73
N2 A1IK6 D . -18.39 -10.33 -2.46
C3 A1IK6 D . -26.64 -12.11 -5.84
C1 A1IK6 D . -29.95 -12.44 -4.43
C15 A1IK6 D . -17.52 -10.50 -6.60
C16 A1IK6 D . -18.78 -10.36 -6.03
C17 A1IK6 D . -18.87 -10.10 -4.58
C18 A1IK6 D . -17.77 -10.87 -1.32
C19 A1IK6 D . -16.56 -11.72 -1.53
C2 A1IK6 D . -28.82 -12.82 -5.33
C20 A1IK6 D . -15.47 -11.19 -2.22
C21 A1IK6 D . -14.33 -11.95 -2.45
C22 A1IK6 D . -14.28 -13.23 -1.97
C23 A1IK6 D . -15.34 -13.78 -1.29
C24 A1IK6 D . -16.50 -13.03 -1.06
C25 A1IK6 D . -17.63 -13.67 -0.30
C26 A1IK6 D . -19.22 -9.21 -2.51
C27 A1IK6 D . -19.72 -8.35 -1.53
C28 A1IK6 D . -20.51 -7.30 -1.95
C29 A1IK6 D . -20.83 -7.15 -3.30
C30 A1IK6 D . -20.36 -8.00 -4.27
C31 A1IK6 D . -19.53 -9.04 -3.88
C32 A1IK6 D . -24.46 -11.08 -6.47
F1 A1IK6 D . -17.65 -13.32 0.99
F2 A1IK6 D . -18.81 -13.41 -0.84
F3 A1IK6 D . -17.60 -15.00 -0.32
O1 A1IK6 D . -27.78 -11.81 -5.25
O2 A1IK6 D . -26.45 -13.15 -6.42
O3 A1IK6 D . -21.13 -10.20 -6.31
O4 A1IK6 D . -17.19 -10.85 -10.73
O5 A1IK6 D . -19.40 -11.06 -10.95
O6 A1IK6 D . -18.21 -10.65 -0.22
CL1 A1IK6 D . -15.49 -9.57 -2.84
CL2 A1IK6 D . -21.84 -5.81 -3.76
#